data_3NKB
#
_entry.id   3NKB
#
_cell.length_a   64.837
_cell.length_b   84.107
_cell.length_c   102.020
_cell.angle_alpha   90.00
_cell.angle_beta   90.00
_cell.angle_gamma   90.00
#
_symmetry.space_group_name_H-M   'C 2 2 21'
#
loop_
_entity.id
_entity.type
_entity.pdbx_description
1 polymer "DNA/RNA (5'-D(*(DUR))-D(*GP*G)-R(P*CP*UP*UP*GP*CP*A)-3')"
2 polymer 'The hepatitis delta virus ribozyme'
3 non-polymer 'MAGNESIUM ION'
4 water water
#
loop_
_entity_poly.entity_id
_entity_poly.type
_entity_poly.pdbx_seq_one_letter_code
_entity_poly.pdbx_strand_id
1 'polydeoxyribonucleotide/polyribonucleotide hybrid' (DUR)(DG)(DG)CUUGCA A
2 'polyribonucleotide' GGUCCGCAGCCUCCUCGCGGCGCAAGCUGGGCAACAUUCCGAAAGGUAAUGGCGAAUGCGGACC B
#